data_9BLQ
#
_entry.id   9BLQ
#
_cell.length_a   58.828
_cell.length_b   58.828
_cell.length_c   589.086
_cell.angle_alpha   90.000
_cell.angle_beta   90.000
_cell.angle_gamma   120.000
#
_symmetry.space_group_name_H-M   'P 65 2 2'
#
loop_
_entity.id
_entity.type
_entity.pdbx_description
1 polymer 'Putative hydroxylase'
2 non-polymer 'FE (III) ION'
3 non-polymer 'SULFATE ION'
4 non-polymer 'SUCCINIC ACID'
5 water water
#
_entity_poly.entity_id   1
_entity_poly.type   'polypeptide(L)'
_entity_poly.pdbx_seq_one_letter_code
;(MSE)GSSHHHHHHSSGLVPRGSH(MSE)LRKDTPVLHVDAPFTLHLAQGLLTKDVVSDLYATAPVNRTAAISRVDPEHE
KQYK(MSE)NLFYL(MSE)VNNQRSRASGELPAVWRSLLDDLAGVEFTDWLSESTGIDLHGLSQDIGVYTHVDGDFISVH
KDKADKAITAILYLNPEWPTNAGGEFEVHFSGDPDDDHVFRLPPRPGQLLAFPPTDKSWHAVSRVDSGEEITRLTVQLEY
WFEHVDRYSTD
;
_entity_poly.pdbx_strand_id   A,B
#
# COMPACT_ATOMS: atom_id res chain seq x y z
N SER A 19 -11.24 11.53 18.60
CA SER A 19 -12.54 10.96 18.25
C SER A 19 -13.09 10.07 19.36
N HIS A 20 -13.80 9.01 18.97
CA HIS A 20 -14.46 8.10 19.90
C HIS A 20 -13.64 6.84 20.17
N LEU A 22 -9.92 6.12 21.10
CA LEU A 22 -8.98 5.94 22.19
C LEU A 22 -9.54 6.57 23.47
N ARG A 23 -9.51 5.80 24.56
CA ARG A 23 -9.99 6.28 25.85
C ARG A 23 -8.99 7.27 26.43
N LYS A 24 -9.37 8.54 26.49
CA LYS A 24 -8.49 9.60 26.96
C LYS A 24 -8.39 9.68 28.48
N ASP A 25 -8.92 8.70 29.21
CA ASP A 25 -8.92 8.72 30.67
C ASP A 25 -8.15 7.56 31.27
N THR A 26 -7.44 6.79 30.47
CA THR A 26 -6.71 5.63 30.98
C THR A 26 -5.45 6.10 31.71
N PRO A 27 -5.18 5.59 32.90
CA PRO A 27 -3.93 5.93 33.59
C PRO A 27 -2.76 5.12 33.04
N VAL A 28 -1.56 5.57 33.37
CA VAL A 28 -0.34 5.08 32.75
C VAL A 28 0.61 4.57 33.83
N LEU A 29 1.45 3.60 33.46
CA LEU A 29 2.55 3.16 34.29
C LEU A 29 3.82 3.86 33.88
N HIS A 30 4.38 4.64 34.79
CA HIS A 30 5.70 5.24 34.61
C HIS A 30 6.76 4.25 35.06
N VAL A 31 7.70 3.94 34.17
CA VAL A 31 8.81 3.04 34.47
C VAL A 31 10.08 3.89 34.47
N ASP A 32 10.70 4.01 35.64
CA ASP A 32 11.96 4.73 35.81
C ASP A 32 13.18 3.81 35.70
N ALA A 33 12.98 2.57 35.23
CA ALA A 33 13.88 1.47 35.50
C ALA A 33 15.23 1.61 34.77
N PRO A 34 15.56 0.95 33.64
CA PRO A 34 16.80 1.35 32.98
C PRO A 34 16.64 2.65 32.22
N PHE A 35 15.41 2.97 31.82
CA PHE A 35 15.13 4.22 31.11
C PHE A 35 13.65 4.54 31.28
N THR A 36 13.32 5.81 31.05
CA THR A 36 11.94 6.25 31.12
C THR A 36 11.08 5.47 30.13
N LEU A 37 9.96 4.93 30.62
CA LEU A 37 9.05 4.14 29.81
C LEU A 37 7.65 4.26 30.39
N HIS A 38 6.66 4.49 29.53
CA HIS A 38 5.28 4.65 29.96
C HIS A 38 4.41 3.59 29.31
N LEU A 39 3.54 2.96 30.12
CA LEU A 39 2.75 1.83 29.67
C LEU A 39 1.29 2.05 30.00
N ALA A 40 0.43 1.69 29.05
CA ALA A 40 -1.01 1.81 29.23
C ALA A 40 -1.69 0.61 28.58
N GLN A 41 -2.77 0.17 29.20
CA GLN A 41 -3.61 -0.89 28.66
C GLN A 41 -5.05 -0.43 28.61
N GLY A 42 -5.82 -1.01 27.70
CA GLY A 42 -7.23 -0.69 27.60
C GLY A 42 -7.53 0.59 26.85
N LEU A 43 -6.60 1.10 26.04
N LEU A 43 -6.59 1.12 26.07
CA LEU A 43 -6.86 2.30 25.25
CA LEU A 43 -6.87 2.28 25.24
C LEU A 43 -7.97 2.05 24.23
C LEU A 43 -8.04 2.01 24.32
N LEU A 44 -8.12 0.81 23.78
CA LEU A 44 -9.20 0.40 22.90
C LEU A 44 -9.85 -0.85 23.47
N THR A 45 -11.14 -1.01 23.23
CA THR A 45 -11.82 -2.23 23.63
C THR A 45 -11.35 -3.38 22.74
N LYS A 46 -11.56 -4.60 23.25
CA LYS A 46 -11.23 -5.78 22.46
C LYS A 46 -12.04 -5.83 21.17
N ASP A 47 -13.27 -5.29 21.20
CA ASP A 47 -14.09 -5.30 19.98
C ASP A 47 -13.52 -4.38 18.93
N VAL A 48 -13.02 -3.21 19.32
CA VAL A 48 -12.45 -2.27 18.35
C VAL A 48 -11.14 -2.81 17.81
N VAL A 49 -10.30 -3.39 18.67
CA VAL A 49 -9.03 -3.96 18.22
C VAL A 49 -9.27 -5.09 17.23
N SER A 50 -10.27 -5.93 17.52
CA SER A 50 -10.64 -6.99 16.58
C SER A 50 -11.11 -6.39 15.26
N ASP A 51 -11.91 -5.33 15.32
CA ASP A 51 -12.36 -4.65 14.11
C ASP A 51 -11.16 -4.09 13.34
N LEU A 52 -10.22 -3.44 14.04
CA LEU A 52 -9.06 -2.87 13.36
C LEU A 52 -8.19 -3.96 12.76
N TYR A 53 -8.01 -5.07 13.48
CA TYR A 53 -7.15 -6.15 12.98
C TYR A 53 -7.76 -6.83 11.76
N ALA A 54 -9.06 -7.08 11.77
CA ALA A 54 -9.69 -7.75 10.64
C ALA A 54 -9.70 -6.89 9.39
N THR A 55 -9.69 -5.57 9.56
CA THR A 55 -9.69 -4.62 8.45
C THR A 55 -8.32 -3.98 8.24
N ALA A 56 -7.27 -4.54 8.83
CA ALA A 56 -5.96 -3.90 8.81
C ALA A 56 -5.42 -3.85 7.39
N PRO A 57 -4.94 -2.69 6.93
CA PRO A 57 -4.36 -2.58 5.58
C PRO A 57 -2.93 -3.11 5.52
N VAL A 58 -2.77 -4.41 5.80
CA VAL A 58 -1.42 -4.98 5.89
C VAL A 58 -0.79 -5.11 4.52
N ASN A 59 -1.59 -5.27 3.47
CA ASN A 59 -1.06 -5.37 2.11
C ASN A 59 -0.58 -4.03 1.57
N ARG A 60 -0.68 -2.97 2.34
CA ARG A 60 -0.13 -1.67 1.96
C ARG A 60 1.28 -1.46 2.50
N THR A 61 1.79 -2.40 3.29
CA THR A 61 3.14 -2.29 3.81
C THR A 61 4.16 -2.61 2.73
N ALA A 62 5.39 -2.15 2.96
CA ALA A 62 6.55 -2.51 2.15
C ALA A 62 7.56 -3.23 3.04
N ALA A 63 8.23 -4.23 2.48
CA ALA A 63 9.19 -5.02 3.24
C ALA A 63 10.52 -4.27 3.33
N ILE A 64 11.07 -4.18 4.54
CA ILE A 64 12.35 -3.53 4.79
C ILE A 64 13.17 -4.43 5.70
N SER A 65 14.50 -4.32 5.60
CA SER A 65 15.39 -5.16 6.40
C SER A 65 16.81 -4.61 6.34
N ARG A 66 17.51 -4.72 7.47
CA ARG A 66 18.95 -4.49 7.55
C ARG A 66 19.56 -5.68 8.27
N VAL A 67 20.50 -6.38 7.63
CA VAL A 67 21.17 -7.52 8.25
C VAL A 67 22.66 -7.47 8.00
N ASP A 68 23.37 -6.71 8.83
CA ASP A 68 24.84 -6.66 8.81
C ASP A 68 25.27 -5.75 9.96
N PRO A 69 26.46 -6.00 10.52
CA PRO A 69 27.01 -5.18 11.59
C PRO A 69 27.53 -3.84 11.08
N LYS A 73 21.51 -1.35 14.69
CA LYS A 73 20.09 -1.66 14.57
C LYS A 73 19.80 -2.50 13.33
N GLN A 74 19.72 -3.82 13.52
CA GLN A 74 19.33 -4.74 12.46
C GLN A 74 17.86 -5.09 12.62
N TYR A 75 17.18 -5.29 11.49
CA TYR A 75 15.75 -5.54 11.57
C TYR A 75 15.27 -6.26 10.31
N LYS A 76 14.01 -6.70 10.38
CA LYS A 76 13.30 -7.27 9.23
C LYS A 76 11.82 -7.09 9.51
N ASN A 78 7.75 -5.03 7.94
CA ASN A 78 6.91 -4.43 6.92
C ASN A 78 6.32 -3.13 7.44
N LEU A 79 6.22 -2.13 6.57
CA LEU A 79 5.97 -0.77 7.00
C LEU A 79 5.31 0.06 5.90
N PHE A 80 4.40 0.94 6.30
CA PHE A 80 3.96 2.05 5.47
C PHE A 80 3.39 3.13 6.39
N TYR A 81 3.48 4.38 5.95
CA TYR A 81 3.15 5.52 6.78
C TYR A 81 1.75 6.05 6.45
N LEU A 82 0.91 6.17 7.48
CA LEU A 82 -0.35 6.86 7.33
C LEU A 82 -0.16 8.38 7.33
N VAL A 84 3.13 11.54 7.51
CA VAL A 84 4.50 12.00 7.62
C VAL A 84 4.47 13.51 7.77
N ASN A 85 5.11 14.03 8.83
CA ASN A 85 5.21 15.46 9.08
C ASN A 85 3.82 16.10 9.12
N ASN A 86 2.96 15.54 9.96
CA ASN A 86 1.61 16.05 10.22
C ASN A 86 0.72 16.04 8.99
N GLN A 87 1.13 15.37 7.91
CA GLN A 87 0.39 15.35 6.66
C GLN A 87 0.01 13.91 6.31
N ARG A 88 -1.27 13.68 6.10
CA ARG A 88 -1.75 12.35 5.73
C ARG A 88 -1.21 11.95 4.36
N SER A 89 -0.81 10.70 4.23
CA SER A 89 -0.17 10.19 3.03
C SER A 89 -1.21 9.70 2.03
N ARG A 90 -0.75 9.39 0.81
CA ARG A 90 -1.61 8.76 -0.17
C ARG A 90 -2.13 7.42 0.35
N ALA A 91 -1.28 6.66 1.04
CA ALA A 91 -1.67 5.38 1.58
C ALA A 91 -2.71 5.48 2.69
N SER A 92 -2.96 6.68 3.21
CA SER A 92 -3.97 6.88 4.24
C SER A 92 -5.36 7.09 3.67
N GLY A 93 -5.51 7.14 2.35
CA GLY A 93 -6.82 7.22 1.74
C GLY A 93 -7.41 5.86 1.45
N GLU A 94 -8.72 5.83 1.20
CA GLU A 94 -9.45 4.61 0.87
C GLU A 94 -9.39 3.59 2.01
N LEU A 95 -9.41 4.06 3.26
CA LEU A 95 -9.30 3.18 4.42
C LEU A 95 -10.67 2.75 4.92
N PRO A 96 -10.74 1.61 5.61
CA PRO A 96 -12.00 1.25 6.29
C PRO A 96 -12.37 2.32 7.31
N ALA A 97 -13.67 2.42 7.57
CA ALA A 97 -14.17 3.48 8.44
C ALA A 97 -13.48 3.46 9.80
N VAL A 98 -13.26 2.26 10.36
CA VAL A 98 -12.65 2.16 11.69
C VAL A 98 -11.20 2.65 11.65
N TRP A 99 -10.51 2.45 10.54
CA TRP A 99 -9.14 2.95 10.42
C TRP A 99 -9.10 4.45 10.14
N ARG A 100 -10.10 4.97 9.43
CA ARG A 100 -10.23 6.42 9.31
C ARG A 100 -10.44 7.06 10.67
N SER A 101 -11.21 6.41 11.55
CA SER A 101 -11.45 6.97 12.87
C SER A 101 -10.21 6.92 13.74
N LEU A 102 -9.49 5.79 13.71
CA LEU A 102 -8.26 5.67 14.50
C LEU A 102 -7.21 6.69 14.04
N LEU A 103 -7.07 6.90 12.74
CA LEU A 103 -6.11 7.89 12.27
C LEU A 103 -6.52 9.29 12.69
N ASP A 104 -7.82 9.61 12.60
CA ASP A 104 -8.30 10.90 13.08
C ASP A 104 -8.00 11.08 14.56
N ASP A 105 -8.23 10.03 15.36
CA ASP A 105 -8.02 10.14 16.79
C ASP A 105 -6.53 10.25 17.13
N LEU A 106 -5.70 9.42 16.50
CA LEU A 106 -4.26 9.46 16.80
C LEU A 106 -3.63 10.78 16.37
N ALA A 107 -4.15 11.40 15.31
CA ALA A 107 -3.64 12.67 14.84
C ALA A 107 -4.29 13.87 15.53
N GLY A 108 -5.35 13.65 16.30
CA GLY A 108 -6.11 14.74 16.87
C GLY A 108 -5.44 15.39 18.08
N VAL A 109 -6.02 16.52 18.49
CA VAL A 109 -5.51 17.25 19.65
C VAL A 109 -5.86 16.51 20.93
N GLU A 110 -7.01 15.84 20.97
CA GLU A 110 -7.43 15.16 22.21
C GLU A 110 -6.45 14.07 22.60
N PHE A 111 -5.96 13.29 21.64
CA PHE A 111 -5.00 12.24 21.96
C PHE A 111 -3.64 12.80 22.28
N THR A 112 -3.19 13.81 21.52
CA THR A 112 -1.92 14.46 21.84
C THR A 112 -1.96 15.06 23.23
N ASP A 113 -3.12 15.56 23.66
CA ASP A 113 -3.30 15.97 25.05
C ASP A 113 -3.00 14.80 25.99
N TRP A 114 -3.71 13.68 25.80
CA TRP A 114 -3.53 12.54 26.69
C TRP A 114 -2.08 12.06 26.71
N LEU A 115 -1.46 11.93 25.53
CA LEU A 115 -0.10 11.44 25.49
C LEU A 115 0.89 12.44 26.06
N SER A 116 0.61 13.74 25.92
CA SER A 116 1.49 14.75 26.50
C SER A 116 1.37 14.78 28.02
N GLU A 117 0.15 14.62 28.53
CA GLU A 117 -0.02 14.54 29.97
C GLU A 117 0.55 13.25 30.53
N SER A 118 0.44 12.15 29.77
CA SER A 118 0.86 10.85 30.27
C SER A 118 2.38 10.74 30.39
N THR A 119 3.11 11.20 29.37
CA THR A 119 4.56 11.07 29.37
C THR A 119 5.29 12.23 30.02
N GLY A 120 4.60 13.33 30.31
CA GLY A 120 5.23 14.51 30.86
C GLY A 120 5.92 15.40 29.85
N ILE A 121 6.00 14.97 28.59
CA ILE A 121 6.54 15.79 27.51
C ILE A 121 5.36 16.34 26.71
N ASP A 122 5.38 17.64 26.44
CA ASP A 122 4.34 18.27 25.62
C ASP A 122 4.71 18.15 24.15
N LEU A 123 3.78 17.59 23.36
CA LEU A 123 4.08 17.15 22.00
C LEU A 123 3.33 17.94 20.94
N HIS A 124 2.86 19.15 21.25
CA HIS A 124 1.85 19.76 20.41
C HIS A 124 2.42 20.40 19.15
N GLY A 125 3.56 21.09 19.25
CA GLY A 125 4.09 21.78 18.09
C GLY A 125 5.10 20.97 17.31
N LEU A 126 4.98 19.64 17.34
CA LEU A 126 6.00 18.75 16.81
C LEU A 126 5.55 18.12 15.50
N SER A 127 6.53 17.56 14.78
CA SER A 127 6.30 16.91 13.50
C SER A 127 5.98 15.44 13.74
N GLN A 128 4.72 15.07 13.54
CA GLN A 128 4.22 13.75 13.91
C GLN A 128 4.24 12.80 12.73
N ASP A 129 4.78 11.61 12.94
CA ASP A 129 4.73 10.52 11.97
C ASP A 129 3.90 9.38 12.54
N ILE A 130 3.03 8.82 11.69
CA ILE A 130 2.21 7.67 12.04
C ILE A 130 2.43 6.60 11.00
N GLY A 131 2.91 5.44 11.42
CA GLY A 131 3.15 4.33 10.52
C GLY A 131 2.53 3.06 11.04
N VAL A 132 2.20 2.17 10.10
CA VAL A 132 1.62 0.86 10.41
C VAL A 132 2.69 -0.19 10.16
N TYR A 133 3.01 -0.95 11.20
CA TYR A 133 4.06 -1.95 11.16
C TYR A 133 3.46 -3.33 11.34
N THR A 134 3.95 -4.30 10.55
CA THR A 134 3.60 -5.69 10.76
C THR A 134 4.88 -6.52 10.85
N HIS A 135 4.88 -7.49 11.75
CA HIS A 135 5.96 -8.46 11.88
C HIS A 135 5.37 -9.85 11.66
N VAL A 136 5.92 -10.58 10.70
CA VAL A 136 5.50 -11.94 10.44
C VAL A 136 6.56 -12.91 10.93
N ASP A 137 6.36 -14.20 10.66
CA ASP A 137 7.29 -15.22 11.14
C ASP A 137 8.67 -15.00 10.55
N GLY A 138 9.67 -14.80 11.42
CA GLY A 138 11.01 -14.48 11.01
C GLY A 138 11.38 -13.02 11.16
N ASP A 139 10.41 -12.15 11.43
CA ASP A 139 10.68 -10.73 11.57
C ASP A 139 11.14 -10.38 12.97
N PHE A 140 11.94 -9.32 13.09
CA PHE A 140 12.56 -8.97 14.36
C PHE A 140 13.08 -7.54 14.28
N ILE A 141 13.45 -7.02 15.45
CA ILE A 141 14.22 -5.78 15.56
C ILE A 141 15.27 -6.01 16.64
N SER A 142 16.55 -5.87 16.27
CA SER A 142 17.63 -6.15 17.19
C SER A 142 17.80 -5.02 18.20
N VAL A 143 18.66 -5.25 19.18
CA VAL A 143 18.88 -4.28 20.25
C VAL A 143 19.42 -2.99 19.66
N HIS A 144 18.81 -1.88 20.05
CA HIS A 144 19.22 -0.56 19.56
C HIS A 144 18.58 0.50 20.44
N LYS A 145 18.89 1.76 20.13
CA LYS A 145 18.38 2.93 20.84
C LYS A 145 18.00 3.96 19.79
N ASP A 146 16.80 4.50 19.88
CA ASP A 146 16.25 5.35 18.82
C ASP A 146 17.11 6.61 18.63
N LYS A 147 16.88 7.27 17.50
CA LYS A 147 17.57 8.52 17.20
C LYS A 147 17.16 9.61 18.18
N ALA A 148 18.14 10.40 18.61
CA ALA A 148 17.92 11.38 19.67
C ALA A 148 17.13 12.60 19.23
N ASP A 149 16.88 12.78 17.92
CA ASP A 149 16.20 13.99 17.46
C ASP A 149 14.69 13.83 17.37
N LYS A 150 14.07 13.16 18.36
CA LYS A 150 12.62 13.11 18.45
C LYS A 150 12.22 13.06 19.92
N ALA A 151 11.01 13.52 20.21
CA ALA A 151 10.60 13.64 21.61
C ALA A 151 10.11 12.31 22.18
N ILE A 152 9.28 11.59 21.42
CA ILE A 152 8.57 10.43 21.94
C ILE A 152 8.32 9.45 20.81
N THR A 153 8.49 8.17 21.10
CA THR A 153 8.00 7.09 20.25
C THR A 153 6.93 6.32 21.02
N ALA A 154 5.78 6.11 20.39
CA ALA A 154 4.66 5.41 21.01
C ALA A 154 4.22 4.26 20.12
N ILE A 155 4.01 3.09 20.71
CA ILE A 155 3.63 1.89 19.97
C ILE A 155 2.25 1.47 20.43
N LEU A 156 1.31 1.38 19.49
CA LEU A 156 -0.03 0.90 19.76
C LEU A 156 -0.16 -0.51 19.23
N TYR A 157 -0.53 -1.45 20.10
CA TYR A 157 -0.62 -2.85 19.76
C TYR A 157 -2.06 -3.21 19.39
N LEU A 158 -2.24 -3.82 18.22
CA LEU A 158 -3.57 -4.08 17.68
C LEU A 158 -3.83 -5.55 17.43
N ASN A 159 -3.09 -6.45 18.09
CA ASN A 159 -3.43 -7.87 18.00
C ASN A 159 -4.50 -8.20 19.03
N PRO A 160 -5.63 -8.79 18.62
CA PRO A 160 -6.63 -9.21 19.61
C PRO A 160 -6.09 -10.26 20.57
N GLU A 161 -5.22 -11.15 20.09
CA GLU A 161 -4.66 -12.22 20.91
C GLU A 161 -3.27 -12.54 20.40
N TRP A 162 -2.29 -12.51 21.30
CA TRP A 162 -0.92 -12.86 20.92
C TRP A 162 -0.54 -14.16 21.60
N PRO A 163 -0.12 -15.18 20.85
CA PRO A 163 0.26 -16.45 21.49
C PRO A 163 1.48 -16.28 22.37
N THR A 164 1.61 -17.18 23.34
CA THR A 164 2.49 -16.96 24.48
C THR A 164 3.93 -17.38 24.25
N ASN A 165 4.22 -18.17 23.22
CA ASN A 165 5.58 -18.59 22.92
C ASN A 165 5.91 -18.34 21.46
N ALA A 166 5.46 -17.21 20.92
CA ALA A 166 5.67 -16.89 19.51
C ALA A 166 6.61 -15.69 19.31
N GLY A 167 7.32 -15.27 20.35
CA GLY A 167 8.18 -14.11 20.14
C GLY A 167 7.36 -12.84 19.94
N GLY A 168 7.94 -11.91 19.19
CA GLY A 168 7.27 -10.65 18.91
C GLY A 168 7.02 -9.80 20.13
N GLU A 169 7.90 -9.87 21.12
CA GLU A 169 7.74 -9.14 22.37
C GLU A 169 8.63 -7.91 22.40
N PHE A 170 8.12 -6.83 22.97
CA PHE A 170 8.97 -5.67 23.23
C PHE A 170 9.97 -6.03 24.32
N GLU A 171 11.25 -5.80 24.04
CA GLU A 171 12.34 -6.20 24.92
C GLU A 171 12.98 -4.97 25.53
N VAL A 172 12.93 -4.88 26.86
CA VAL A 172 13.66 -3.84 27.58
C VAL A 172 15.06 -4.36 27.88
N HIS A 173 16.05 -3.73 27.25
CA HIS A 173 17.45 -4.13 27.42
C HIS A 173 18.17 -3.18 28.37
N PHE A 174 19.25 -3.68 28.95
CA PHE A 174 19.99 -2.97 29.98
C PHE A 174 21.36 -2.51 29.52
N SER A 175 21.70 -2.74 28.25
CA SER A 175 22.96 -2.28 27.66
C SER A 175 22.83 -2.43 26.16
N GLY A 176 23.78 -1.82 25.45
CA GLY A 176 23.84 -1.93 24.01
C GLY A 176 24.63 -3.10 23.47
N ASP A 177 25.23 -3.90 24.33
CA ASP A 177 26.01 -5.06 23.90
C ASP A 177 25.09 -6.09 23.27
N PRO A 178 25.19 -6.38 21.97
CA PRO A 178 24.30 -7.37 21.35
C PRO A 178 24.47 -8.77 21.89
N ASP A 179 25.56 -9.05 22.61
CA ASP A 179 25.76 -10.34 23.26
C ASP A 179 25.10 -10.41 24.63
N ASP A 180 24.62 -9.28 25.16
CA ASP A 180 23.95 -9.27 26.44
C ASP A 180 22.55 -9.85 26.32
N ASP A 181 22.19 -10.72 27.27
CA ASP A 181 20.89 -11.37 27.27
C ASP A 181 20.06 -11.02 28.51
N HIS A 182 20.43 -9.95 29.22
CA HIS A 182 19.59 -9.43 30.29
C HIS A 182 18.44 -8.65 29.65
N VAL A 183 17.23 -9.22 29.72
CA VAL A 183 16.07 -8.68 29.02
C VAL A 183 14.85 -8.75 29.95
N PHE A 184 13.96 -7.77 29.81
CA PHE A 184 12.61 -7.82 30.36
C PHE A 184 11.64 -7.65 29.20
N ARG A 185 10.77 -8.64 29.00
CA ARG A 185 9.92 -8.67 27.83
C ARG A 185 8.48 -8.36 28.18
N LEU A 186 7.80 -7.70 27.24
CA LEU A 186 6.38 -7.39 27.36
C LEU A 186 5.70 -7.88 26.11
N PRO A 187 4.69 -8.73 26.20
CA PRO A 187 3.99 -9.20 25.01
C PRO A 187 3.02 -8.14 24.50
N PRO A 188 2.65 -8.20 23.22
CA PRO A 188 1.55 -7.36 22.74
C PRO A 188 0.24 -7.70 23.44
N ARG A 189 -0.57 -6.67 23.68
CA ARG A 189 -1.91 -6.83 24.21
C ARG A 189 -2.83 -5.91 23.43
N PRO A 190 -4.09 -6.32 23.24
CA PRO A 190 -5.02 -5.49 22.47
C PRO A 190 -5.23 -4.14 23.14
N GLY A 191 -5.00 -3.07 22.38
CA GLY A 191 -5.19 -1.73 22.89
C GLY A 191 -4.10 -1.23 23.81
N GLN A 192 -2.96 -1.90 23.84
CA GLN A 192 -1.85 -1.52 24.71
C GLN A 192 -0.97 -0.47 24.03
N LEU A 193 -0.41 0.43 24.82
CA LEU A 193 0.47 1.47 24.31
C LEU A 193 1.72 1.57 25.18
N LEU A 194 2.88 1.53 24.53
CA LEU A 194 4.16 1.79 25.16
C LEU A 194 4.76 3.05 24.56
N ALA A 195 5.29 3.92 25.42
CA ALA A 195 5.81 5.20 24.96
C ALA A 195 7.05 5.54 25.79
N PHE A 196 8.08 6.03 25.10
CA PHE A 196 9.34 6.33 25.76
C PHE A 196 10.11 7.35 24.93
N PRO A 197 10.86 8.23 25.56
CA PRO A 197 11.74 9.12 24.80
C PRO A 197 13.07 8.46 24.53
N PRO A 198 13.78 8.86 23.47
CA PRO A 198 15.08 8.25 23.19
C PRO A 198 16.20 8.78 24.08
N THR A 199 16.40 8.14 25.24
CA THR A 199 17.47 8.50 26.16
C THR A 199 18.69 7.66 25.87
N ASP A 200 19.85 8.13 26.35
CA ASP A 200 21.12 7.40 26.23
C ASP A 200 20.98 5.92 26.64
N LYS A 201 20.04 5.61 27.52
CA LYS A 201 19.87 4.26 28.04
C LYS A 201 18.71 3.49 27.40
N SER A 202 18.00 4.09 26.43
CA SER A 202 16.75 3.53 25.92
C SER A 202 17.00 2.35 24.98
N TRP A 203 17.65 1.32 25.51
CA TRP A 203 17.92 0.12 24.73
C TRP A 203 16.67 -0.74 24.68
N HIS A 204 16.25 -1.09 23.46
CA HIS A 204 15.05 -1.90 23.29
C HIS A 204 15.18 -2.72 22.01
N ALA A 205 14.29 -3.70 21.88
CA ALA A 205 14.30 -4.61 20.74
C ALA A 205 12.94 -5.29 20.66
N VAL A 206 12.74 -6.00 19.56
CA VAL A 206 11.56 -6.84 19.36
C VAL A 206 12.04 -8.24 19.04
N SER A 207 11.74 -9.19 19.92
CA SER A 207 12.19 -10.55 19.72
C SER A 207 11.58 -11.13 18.45
N ARG A 208 12.32 -12.02 17.80
CA ARG A 208 11.91 -12.58 16.53
C ARG A 208 10.59 -13.31 16.65
N VAL A 209 9.66 -13.00 15.75
CA VAL A 209 8.38 -13.69 15.74
C VAL A 209 8.61 -15.13 15.29
N ASP A 210 8.21 -16.09 16.14
CA ASP A 210 8.45 -17.51 15.92
C ASP A 210 7.15 -18.25 16.21
N SER A 211 6.23 -18.25 15.24
CA SER A 211 4.90 -18.80 15.42
C SER A 211 4.66 -20.08 14.64
N GLY A 212 4.95 -20.08 13.34
CA GLY A 212 4.59 -21.19 12.50
C GLY A 212 3.13 -21.31 12.16
N GLU A 213 2.25 -20.64 12.90
CA GLU A 213 0.81 -20.69 12.65
C GLU A 213 0.34 -19.48 11.86
N GLU A 214 1.18 -18.95 10.98
CA GLU A 214 0.86 -17.80 10.11
C GLU A 214 0.12 -16.69 10.83
N ILE A 215 0.79 -16.06 11.80
CA ILE A 215 0.22 -14.95 12.55
C ILE A 215 0.95 -13.67 12.19
N THR A 216 0.28 -12.54 12.39
CA THR A 216 0.79 -11.23 12.01
C THR A 216 0.75 -10.31 13.22
N ARG A 217 1.90 -9.75 13.57
CA ARG A 217 2.02 -8.79 14.67
C ARG A 217 1.73 -7.40 14.11
N LEU A 218 0.64 -6.79 14.59
CA LEU A 218 0.17 -5.51 14.04
C LEU A 218 0.40 -4.41 15.07
N THR A 219 1.12 -3.37 14.67
CA THR A 219 1.34 -2.21 15.54
C THR A 219 1.19 -0.93 14.73
N VAL A 220 0.95 0.16 15.45
CA VAL A 220 0.98 1.50 14.88
C VAL A 220 1.95 2.32 15.71
N GLN A 221 3.02 2.80 15.10
CA GLN A 221 4.01 3.61 15.80
C GLN A 221 3.76 5.08 15.55
N LEU A 222 3.90 5.87 16.60
CA LEU A 222 3.71 7.32 16.54
C LEU A 222 5.01 7.99 16.96
N GLU A 223 5.66 8.67 16.01
CA GLU A 223 6.91 9.37 16.26
C GLU A 223 6.67 10.87 16.22
N TYR A 224 7.25 11.59 17.17
CA TYR A 224 7.10 13.03 17.30
C TYR A 224 8.49 13.65 17.14
N TRP A 225 8.75 14.23 15.97
CA TRP A 225 10.07 14.76 15.66
C TRP A 225 10.14 16.26 15.94
N PHE A 226 11.36 16.76 16.10
CA PHE A 226 11.55 18.17 16.43
C PHE A 226 11.54 19.05 15.19
N GLU A 227 12.24 18.64 14.13
CA GLU A 227 12.24 19.40 12.88
C GLU A 227 11.15 18.89 11.96
N HIS A 228 10.51 19.82 11.24
CA HIS A 228 9.37 19.52 10.39
C HIS A 228 9.87 19.32 8.96
N VAL A 229 10.27 18.09 8.65
CA VAL A 229 10.73 17.74 7.31
C VAL A 229 9.91 16.56 6.81
N ASP A 230 9.73 16.52 5.49
CA ASP A 230 9.01 15.41 4.83
C ASP A 230 10.01 14.29 4.58
N ARG A 231 10.37 13.61 5.67
CA ARG A 231 11.37 12.54 5.63
C ARG A 231 10.88 11.32 4.86
N LEU B 22 -6.38 -11.97 -8.81
CA LEU B 22 -7.18 -11.73 -10.00
C LEU B 22 -8.07 -12.94 -10.25
N ARG B 23 -9.38 -12.72 -10.31
CA ARG B 23 -10.34 -13.81 -10.42
C ARG B 23 -10.23 -14.45 -11.80
N LYS B 24 -9.78 -15.70 -11.84
CA LYS B 24 -9.53 -16.40 -13.09
C LYS B 24 -10.75 -17.11 -13.65
N ASP B 25 -11.93 -16.93 -13.02
CA ASP B 25 -13.17 -17.49 -13.54
C ASP B 25 -14.07 -16.41 -14.15
N THR B 26 -13.54 -15.23 -14.40
CA THR B 26 -14.35 -14.13 -14.90
C THR B 26 -14.67 -14.32 -16.38
N PRO B 27 -15.94 -14.39 -16.77
CA PRO B 27 -16.28 -14.38 -18.19
C PRO B 27 -16.16 -12.97 -18.76
N VAL B 28 -16.06 -12.91 -20.08
CA VAL B 28 -15.78 -11.65 -20.76
C VAL B 28 -16.88 -11.35 -21.75
N LEU B 29 -16.93 -10.09 -22.16
CA LEU B 29 -17.78 -9.65 -23.26
C LEU B 29 -16.94 -9.53 -24.51
N HIS B 30 -17.24 -10.35 -25.52
CA HIS B 30 -16.61 -10.25 -26.81
C HIS B 30 -17.35 -9.22 -27.66
N VAL B 31 -16.66 -8.15 -28.03
CA VAL B 31 -17.22 -7.13 -28.91
C VAL B 31 -16.64 -7.34 -30.31
N ASP B 32 -17.51 -7.64 -31.25
CA ASP B 32 -17.16 -7.85 -32.64
C ASP B 32 -17.38 -6.60 -33.48
N ALA B 33 -17.59 -5.46 -32.84
CA ALA B 33 -18.29 -4.29 -33.37
C ALA B 33 -17.47 -3.54 -34.43
N PRO B 34 -16.87 -2.35 -34.22
CA PRO B 34 -15.89 -1.92 -35.24
C PRO B 34 -14.65 -2.78 -35.23
N PHE B 35 -14.27 -3.31 -34.07
CA PHE B 35 -13.08 -4.13 -33.97
C PHE B 35 -13.21 -5.06 -32.78
N THR B 36 -12.43 -6.13 -32.81
CA THR B 36 -12.44 -7.11 -31.73
C THR B 36 -12.06 -6.46 -30.40
N LEU B 37 -12.93 -6.61 -29.41
CA LEU B 37 -12.69 -6.03 -28.09
C LEU B 37 -13.28 -6.97 -27.05
N HIS B 38 -12.52 -7.23 -25.99
CA HIS B 38 -12.93 -8.11 -24.92
C HIS B 38 -12.98 -7.33 -23.61
N LEU B 39 -14.10 -7.47 -22.90
CA LEU B 39 -14.37 -6.66 -21.71
C LEU B 39 -14.74 -7.56 -20.54
N ALA B 40 -14.26 -7.20 -19.36
CA ALA B 40 -14.56 -7.96 -18.16
C ALA B 40 -14.60 -7.01 -16.98
N GLN B 41 -15.41 -7.36 -15.99
CA GLN B 41 -15.52 -6.59 -14.76
C GLN B 41 -15.38 -7.52 -13.57
N GLY B 42 -15.02 -6.94 -12.44
CA GLY B 42 -14.90 -7.72 -11.22
C GLY B 42 -13.70 -8.65 -11.17
N LEU B 43 -12.61 -8.32 -11.88
CA LEU B 43 -11.39 -9.10 -11.75
C LEU B 43 -10.80 -8.95 -10.35
N LEU B 44 -10.95 -7.78 -9.75
CA LEU B 44 -10.49 -7.51 -8.40
C LEU B 44 -11.65 -7.03 -7.55
N THR B 45 -11.49 -7.16 -6.24
CA THR B 45 -12.48 -6.63 -5.32
C THR B 45 -12.29 -5.14 -5.15
N LYS B 46 -13.35 -4.47 -4.70
CA LYS B 46 -13.25 -3.04 -4.42
C LYS B 46 -12.24 -2.76 -3.32
N ASP B 47 -12.05 -3.70 -2.40
CA ASP B 47 -11.07 -3.49 -1.33
C ASP B 47 -9.64 -3.55 -1.87
N VAL B 48 -9.34 -4.54 -2.71
CA VAL B 48 -7.99 -4.65 -3.26
C VAL B 48 -7.70 -3.49 -4.19
N VAL B 49 -8.70 -3.05 -4.97
CA VAL B 49 -8.52 -1.89 -5.83
C VAL B 49 -8.25 -0.65 -5.01
N SER B 50 -8.94 -0.51 -3.87
CA SER B 50 -8.67 0.61 -2.97
C SER B 50 -7.25 0.55 -2.42
N ASP B 51 -6.77 -0.64 -2.07
CA ASP B 51 -5.39 -0.77 -1.60
C ASP B 51 -4.41 -0.40 -2.70
N LEU B 52 -4.62 -0.91 -3.91
CA LEU B 52 -3.72 -0.60 -5.02
C LEU B 52 -3.69 0.89 -5.31
N TYR B 53 -4.85 1.55 -5.28
CA TYR B 53 -4.91 2.96 -5.63
C TYR B 53 -4.22 3.83 -4.58
N ALA B 54 -4.50 3.58 -3.31
CA ALA B 54 -3.90 4.38 -2.24
C ALA B 54 -2.39 4.19 -2.16
N THR B 55 -1.85 3.08 -2.65
CA THR B 55 -0.42 2.82 -2.62
C THR B 55 0.21 2.88 -4.01
N ALA B 56 -0.51 3.41 -4.99
CA ALA B 56 0.01 3.45 -6.35
C ALA B 56 1.31 4.25 -6.38
N PRO B 57 2.37 3.72 -6.98
CA PRO B 57 3.68 4.43 -7.03
C PRO B 57 3.69 5.54 -8.07
N VAL B 58 2.85 6.55 -7.85
CA VAL B 58 2.73 7.65 -8.80
C VAL B 58 4.01 8.47 -8.87
N ASN B 59 4.83 8.47 -7.81
CA ASN B 59 6.07 9.23 -7.83
C ASN B 59 7.15 8.59 -8.69
N ARG B 60 6.92 7.38 -9.20
CA ARG B 60 7.88 6.73 -10.08
C ARG B 60 7.56 6.92 -11.56
N THR B 61 6.45 7.57 -11.88
CA THR B 61 6.06 7.75 -13.27
C THR B 61 6.83 8.89 -13.92
N ALA B 62 6.98 8.80 -15.23
CA ALA B 62 7.56 9.87 -16.03
C ALA B 62 6.50 10.44 -16.97
N ALA B 63 6.52 11.76 -17.15
CA ALA B 63 5.55 12.40 -18.02
C ALA B 63 5.92 12.18 -19.48
N ILE B 64 4.92 11.86 -20.29
CA ILE B 64 5.09 11.71 -21.73
C ILE B 64 3.99 12.51 -22.43
N SER B 65 4.34 13.13 -23.54
CA SER B 65 3.42 14.04 -24.21
C SER B 65 3.29 13.74 -25.70
N GLN B 74 -1.05 12.37 -30.70
CA GLN B 74 -1.19 13.34 -29.62
C GLN B 74 -1.71 12.66 -28.35
N TYR B 75 -1.06 12.94 -27.23
CA TYR B 75 -1.40 12.34 -25.95
C TYR B 75 -0.70 13.12 -24.86
N LYS B 76 -1.06 12.83 -23.61
CA LYS B 76 -0.51 13.53 -22.46
C LYS B 76 -0.82 12.67 -21.23
N ASN B 78 1.32 9.96 -17.85
CA ASN B 78 2.47 9.60 -17.05
C ASN B 78 2.60 8.07 -17.02
N LEU B 79 3.83 7.59 -16.94
CA LEU B 79 4.08 6.18 -17.15
C LEU B 79 5.37 5.76 -16.46
N PHE B 80 5.38 4.52 -16.00
CA PHE B 80 6.61 3.84 -15.60
C PHE B 80 6.33 2.34 -15.63
N TYR B 81 7.33 1.57 -16.01
CA TYR B 81 7.15 0.15 -16.31
C TYR B 81 7.52 -0.70 -15.11
N LEU B 82 6.58 -1.56 -14.70
CA LEU B 82 6.88 -2.59 -13.72
C LEU B 82 7.67 -3.74 -14.34
N VAL B 84 9.53 -5.01 -18.33
CA VAL B 84 9.81 -4.89 -19.75
C VAL B 84 10.44 -6.20 -20.20
N ASN B 85 9.87 -6.78 -21.28
CA ASN B 85 10.40 -7.99 -21.90
C ASN B 85 10.55 -9.13 -20.88
N ASN B 86 9.44 -9.41 -20.18
CA ASN B 86 9.33 -10.50 -19.21
C ASN B 86 10.29 -10.34 -18.02
N GLN B 87 10.86 -9.15 -17.82
CA GLN B 87 11.82 -8.91 -16.76
C GLN B 87 11.33 -7.77 -15.87
N ARG B 88 11.29 -8.02 -14.56
CA ARG B 88 10.90 -6.98 -13.62
C ARG B 88 11.95 -5.88 -13.61
N SER B 89 11.49 -4.63 -13.61
CA SER B 89 12.33 -3.49 -13.90
C SER B 89 13.03 -2.97 -12.65
N ARG B 90 13.84 -1.92 -12.85
CA ARG B 90 14.48 -1.22 -11.74
C ARG B 90 13.46 -0.72 -10.73
N ALA B 91 12.36 -0.12 -11.21
CA ALA B 91 11.36 0.51 -10.36
C ALA B 91 10.29 -0.45 -9.89
N SER B 92 10.46 -1.75 -10.09
CA SER B 92 9.52 -2.75 -9.60
C SER B 92 9.88 -3.27 -8.21
N GLY B 93 11.02 -2.86 -7.66
CA GLY B 93 11.38 -3.23 -6.31
C GLY B 93 10.89 -2.23 -5.28
N GLU B 94 10.88 -2.65 -4.01
CA GLU B 94 10.46 -1.80 -2.89
C GLU B 94 8.99 -1.41 -2.99
N LEU B 95 8.17 -2.25 -3.62
CA LEU B 95 6.77 -1.95 -3.80
C LEU B 95 5.94 -2.38 -2.61
N PRO B 96 4.77 -1.79 -2.41
CA PRO B 96 3.84 -2.31 -1.41
C PRO B 96 3.46 -3.75 -1.70
N ALA B 97 3.06 -4.47 -0.64
CA ALA B 97 2.76 -5.89 -0.77
C ALA B 97 1.66 -6.16 -1.80
N VAL B 98 0.61 -5.32 -1.80
CA VAL B 98 -0.49 -5.52 -2.74
C VAL B 98 -0.03 -5.35 -4.18
N TRP B 99 0.92 -4.45 -4.42
CA TRP B 99 1.44 -4.27 -5.77
C TRP B 99 2.40 -5.38 -6.16
N ARG B 100 3.19 -5.89 -5.19
CA ARG B 100 4.00 -7.08 -5.46
C ARG B 100 3.12 -8.26 -5.85
N SER B 101 1.97 -8.41 -5.18
CA SER B 101 1.07 -9.52 -5.50
C SER B 101 0.46 -9.35 -6.89
N LEU B 102 -0.04 -8.16 -7.20
CA LEU B 102 -0.61 -7.92 -8.52
C LEU B 102 0.41 -8.19 -9.63
N LEU B 103 1.66 -7.76 -9.42
CA LEU B 103 2.69 -8.02 -10.43
C LEU B 103 2.96 -9.50 -10.59
N ASP B 104 3.04 -10.24 -9.48
CA ASP B 104 3.17 -11.70 -9.57
C ASP B 104 2.00 -12.30 -10.35
N ASP B 105 0.78 -11.86 -10.03
CA ASP B 105 -0.40 -12.44 -10.66
C ASP B 105 -0.47 -12.09 -12.14
N LEU B 106 -0.22 -10.83 -12.49
CA LEU B 106 -0.30 -10.41 -13.88
C LEU B 106 0.77 -11.09 -14.73
N ALA B 107 1.96 -11.29 -14.16
CA ALA B 107 3.04 -11.95 -14.88
C ALA B 107 2.94 -13.47 -14.87
N GLY B 108 2.08 -14.02 -14.01
CA GLY B 108 2.01 -15.46 -13.85
C GLY B 108 1.40 -16.17 -15.04
N VAL B 109 1.59 -17.49 -15.05
CA VAL B 109 1.04 -18.32 -16.11
C VAL B 109 -0.46 -18.48 -15.96
N GLU B 110 -0.97 -18.44 -14.72
CA GLU B 110 -2.40 -18.60 -14.49
C GLU B 110 -3.19 -17.48 -15.17
N PHE B 111 -2.76 -16.23 -14.96
CA PHE B 111 -3.43 -15.11 -15.60
C PHE B 111 -3.29 -15.16 -17.12
N THR B 112 -2.10 -15.52 -17.61
CA THR B 112 -1.90 -15.62 -19.05
C THR B 112 -2.81 -16.69 -19.65
N ASP B 113 -3.07 -17.77 -18.91
CA ASP B 113 -4.06 -18.75 -19.35
C ASP B 113 -5.43 -18.10 -19.52
N TRP B 114 -5.85 -17.30 -18.53
CA TRP B 114 -7.18 -16.70 -18.57
C TRP B 114 -7.30 -15.71 -19.72
N LEU B 115 -6.36 -14.77 -19.80
CA LEU B 115 -6.42 -13.77 -20.86
C LEU B 115 -6.24 -14.40 -22.23
N SER B 116 -5.50 -15.50 -22.31
CA SER B 116 -5.36 -16.19 -23.59
C SER B 116 -6.58 -17.02 -23.94
N GLU B 117 -7.32 -17.50 -22.93
CA GLU B 117 -8.58 -18.17 -23.21
C GLU B 117 -9.67 -17.16 -23.53
N SER B 118 -9.78 -16.11 -22.70
CA SER B 118 -10.84 -15.12 -22.88
C SER B 118 -10.80 -14.52 -24.29
N THR B 119 -9.62 -14.07 -24.71
CA THR B 119 -9.44 -13.66 -26.10
C THR B 119 -9.05 -14.88 -26.94
N GLY B 120 -9.16 -14.73 -28.25
CA GLY B 120 -8.84 -15.85 -29.10
C GLY B 120 -7.36 -16.08 -29.36
N ILE B 121 -6.49 -15.39 -28.63
CA ILE B 121 -5.06 -15.36 -28.94
C ILE B 121 -4.28 -16.08 -27.84
N ASP B 122 -3.28 -16.84 -28.24
CA ASP B 122 -2.39 -17.51 -27.30
C ASP B 122 -1.16 -16.63 -27.08
N LEU B 123 -0.85 -16.35 -25.81
CA LEU B 123 0.06 -15.28 -25.45
C LEU B 123 1.25 -15.75 -24.63
N HIS B 124 1.59 -17.04 -24.69
CA HIS B 124 2.51 -17.59 -23.70
C HIS B 124 3.98 -17.35 -24.04
N GLY B 125 4.35 -17.44 -25.31
CA GLY B 125 5.76 -17.30 -25.67
C GLY B 125 6.14 -15.89 -26.08
N LEU B 126 5.43 -14.90 -25.55
CA LEU B 126 5.55 -13.53 -26.03
C LEU B 126 6.30 -12.66 -25.03
N SER B 127 6.75 -11.51 -25.52
CA SER B 127 7.47 -10.53 -24.72
C SER B 127 6.47 -9.60 -24.04
N GLN B 128 6.34 -9.72 -22.72
CA GLN B 128 5.29 -9.03 -21.97
C GLN B 128 5.85 -7.78 -21.31
N ASP B 129 5.15 -6.66 -21.48
CA ASP B 129 5.43 -5.43 -20.76
C ASP B 129 4.29 -5.14 -19.80
N ILE B 130 4.62 -4.66 -18.61
CA ILE B 130 3.63 -4.20 -17.63
C ILE B 130 3.94 -2.77 -17.27
N GLY B 131 3.03 -1.85 -17.55
CA GLY B 131 3.23 -0.46 -17.24
C GLY B 131 2.13 0.08 -16.34
N VAL B 132 2.50 1.04 -15.50
CA VAL B 132 1.57 1.74 -14.64
C VAL B 132 1.35 3.14 -15.23
N TYR B 133 0.10 3.45 -15.56
CA TYR B 133 -0.24 4.70 -16.22
C TYR B 133 -1.13 5.53 -15.31
N THR B 134 -0.89 6.85 -15.30
CA THR B 134 -1.77 7.79 -14.60
C THR B 134 -2.14 8.93 -15.54
N HIS B 135 -3.39 9.36 -15.45
CA HIS B 135 -3.90 10.52 -16.18
C HIS B 135 -4.46 11.51 -15.17
N VAL B 136 -3.84 12.68 -15.06
CA VAL B 136 -4.34 13.71 -14.16
C VAL B 136 -5.20 14.69 -14.96
N ASP B 137 -5.70 15.72 -14.28
CA ASP B 137 -6.49 16.75 -14.95
C ASP B 137 -5.75 17.29 -16.16
N GLY B 138 -6.45 17.30 -17.31
CA GLY B 138 -5.87 17.72 -18.56
C GLY B 138 -5.27 16.62 -19.39
N ASP B 139 -5.04 15.44 -18.82
CA ASP B 139 -4.45 14.34 -19.57
C ASP B 139 -5.47 13.68 -20.47
N PHE B 140 -4.99 13.07 -21.56
CA PHE B 140 -5.87 12.57 -22.61
C PHE B 140 -5.04 11.69 -23.54
N ILE B 141 -5.74 11.01 -24.44
CA ILE B 141 -5.12 10.31 -25.56
C ILE B 141 -6.04 10.48 -26.77
N SER B 142 -5.50 11.02 -27.86
CA SER B 142 -6.29 11.24 -29.04
C SER B 142 -6.58 9.91 -29.75
N VAL B 143 -7.52 9.97 -30.70
CA VAL B 143 -7.87 8.77 -31.45
C VAL B 143 -6.64 8.30 -32.22
N HIS B 144 -6.42 6.99 -32.20
CA HIS B 144 -5.22 6.38 -32.79
C HIS B 144 -5.47 4.88 -32.86
N LYS B 145 -4.53 4.17 -33.47
CA LYS B 145 -4.53 2.71 -33.45
C LYS B 145 -3.17 2.23 -33.00
N ASP B 146 -3.15 1.14 -32.23
CA ASP B 146 -1.92 0.66 -31.64
C ASP B 146 -0.99 0.11 -32.71
N LYS B 147 0.27 -0.09 -32.32
CA LYS B 147 1.26 -0.65 -33.22
C LYS B 147 0.96 -2.12 -33.49
N ALA B 148 1.07 -2.52 -34.76
CA ALA B 148 0.77 -3.89 -35.16
C ALA B 148 1.80 -4.90 -34.66
N ASP B 149 2.82 -4.47 -33.90
CA ASP B 149 3.89 -5.36 -33.44
C ASP B 149 3.55 -6.07 -32.14
N LYS B 150 2.28 -6.29 -31.84
CA LYS B 150 1.94 -6.92 -30.57
C LYS B 150 0.67 -7.75 -30.72
N ALA B 151 0.57 -8.78 -29.90
CA ALA B 151 -0.56 -9.68 -30.00
C ALA B 151 -1.82 -9.05 -29.39
N ILE B 152 -1.69 -8.38 -28.25
CA ILE B 152 -2.84 -7.81 -27.57
C ILE B 152 -2.38 -6.72 -26.62
N THR B 153 -3.28 -5.80 -26.30
CA THR B 153 -3.11 -4.83 -25.24
C THR B 153 -4.27 -4.96 -24.27
N ALA B 154 -3.96 -5.05 -22.97
CA ALA B 154 -4.97 -5.13 -21.92
C ALA B 154 -4.81 -3.95 -20.98
N ILE B 155 -5.93 -3.33 -20.61
CA ILE B 155 -5.95 -2.22 -19.68
C ILE B 155 -6.74 -2.66 -18.45
N LEU B 156 -6.09 -2.60 -17.28
CA LEU B 156 -6.73 -2.91 -16.00
C LEU B 156 -6.99 -1.60 -15.27
N TYR B 157 -8.25 -1.34 -14.94
CA TYR B 157 -8.65 -0.08 -14.31
C TYR B 157 -8.67 -0.23 -12.80
N LEU B 158 -7.96 0.67 -12.11
CA LEU B 158 -7.73 0.57 -10.68
C LEU B 158 -8.28 1.78 -9.92
N ASN B 159 -9.28 2.45 -10.46
CA ASN B 159 -9.91 3.50 -9.65
C ASN B 159 -11.03 2.92 -8.81
N PRO B 160 -11.06 3.17 -7.49
CA PRO B 160 -12.21 2.70 -6.69
C PRO B 160 -13.53 3.27 -7.16
N GLU B 161 -13.56 4.55 -7.51
CA GLU B 161 -14.75 5.20 -8.05
C GLU B 161 -14.30 6.26 -9.04
N TRP B 162 -14.97 6.32 -10.19
CA TRP B 162 -14.68 7.34 -11.18
C TRP B 162 -15.90 8.23 -11.36
N PRO B 163 -15.81 9.53 -11.08
CA PRO B 163 -16.99 10.38 -11.17
C PRO B 163 -17.39 10.64 -12.61
N THR B 164 -18.69 10.85 -12.81
CA THR B 164 -19.19 11.29 -14.09
C THR B 164 -18.85 12.76 -14.31
N ASN B 165 -18.95 13.19 -15.56
CA ASN B 165 -18.58 14.53 -16.02
C ASN B 165 -17.08 14.74 -16.00
N ALA B 166 -16.37 13.98 -15.18
CA ALA B 166 -14.94 13.81 -15.36
C ALA B 166 -14.71 12.85 -16.53
N GLY B 167 -13.82 13.22 -17.44
CA GLY B 167 -13.61 12.43 -18.63
C GLY B 167 -12.91 11.11 -18.37
N GLY B 168 -11.76 10.89 -19.00
CA GLY B 168 -10.98 9.70 -18.74
C GLY B 168 -11.66 8.41 -19.13
N GLU B 169 -12.52 8.45 -20.15
CA GLU B 169 -13.24 7.27 -20.60
C GLU B 169 -12.55 6.65 -21.80
N PHE B 170 -12.56 5.32 -21.85
CA PHE B 170 -12.11 4.61 -23.05
C PHE B 170 -13.11 4.89 -24.17
N GLU B 171 -12.61 5.33 -25.31
CA GLU B 171 -13.45 5.72 -26.43
C GLU B 171 -13.27 4.72 -27.57
N VAL B 172 -14.35 4.04 -27.94
CA VAL B 172 -14.36 3.20 -29.14
C VAL B 172 -14.68 4.09 -30.32
N HIS B 173 -13.74 4.20 -31.26
CA HIS B 173 -13.91 5.04 -32.43
C HIS B 173 -14.15 4.19 -33.67
N PHE B 174 -14.79 4.82 -34.65
CA PHE B 174 -15.20 4.14 -35.87
C PHE B 174 -14.35 4.54 -37.07
N SER B 175 -13.41 5.46 -36.90
CA SER B 175 -12.48 5.87 -37.94
C SER B 175 -11.34 6.62 -37.27
N GLY B 176 -10.30 6.91 -38.06
CA GLY B 176 -9.18 7.69 -37.57
C GLY B 176 -9.29 9.14 -37.98
N ASP B 177 -10.48 9.71 -37.88
CA ASP B 177 -10.74 11.04 -38.38
C ASP B 177 -10.91 12.06 -37.26
N ASP B 180 -14.14 12.69 -36.62
CA ASP B 180 -15.37 11.89 -36.62
C ASP B 180 -16.17 12.10 -35.34
N ASP B 181 -17.47 12.37 -35.51
CA ASP B 181 -18.35 12.58 -34.36
C ASP B 181 -18.62 11.27 -33.62
N HIS B 182 -18.67 10.16 -34.33
CA HIS B 182 -19.22 8.93 -33.77
C HIS B 182 -18.22 8.26 -32.83
N VAL B 183 -18.67 7.93 -31.63
CA VAL B 183 -17.82 7.31 -30.61
C VAL B 183 -18.73 6.57 -29.63
N PHE B 184 -18.18 5.54 -29.00
CA PHE B 184 -18.85 4.84 -27.91
C PHE B 184 -17.91 4.80 -26.72
N ARG B 185 -18.36 5.34 -25.59
CA ARG B 185 -17.52 5.56 -24.43
C ARG B 185 -17.79 4.53 -23.33
N LEU B 186 -16.76 4.25 -22.55
CA LEU B 186 -16.82 3.32 -21.45
C LEU B 186 -16.05 3.89 -20.26
N PRO B 187 -16.67 4.04 -19.10
CA PRO B 187 -15.98 4.64 -17.96
C PRO B 187 -15.09 3.63 -17.27
N PRO B 188 -14.04 4.08 -16.60
CA PRO B 188 -13.26 3.16 -15.76
C PRO B 188 -14.11 2.62 -14.63
N ARG B 189 -13.87 1.36 -14.28
CA ARG B 189 -14.53 0.74 -13.15
C ARG B 189 -13.49 -0.06 -12.37
N PRO B 190 -13.64 -0.15 -11.05
CA PRO B 190 -12.65 -0.88 -10.25
C PRO B 190 -12.60 -2.35 -10.67
N GLY B 191 -11.40 -2.82 -10.99
CA GLY B 191 -11.21 -4.19 -11.42
C GLY B 191 -11.65 -4.49 -12.84
N GLN B 192 -11.96 -3.46 -13.63
CA GLN B 192 -12.36 -3.67 -15.02
C GLN B 192 -11.13 -3.91 -15.89
N LEU B 193 -11.31 -4.75 -16.91
CA LEU B 193 -10.24 -5.06 -17.86
C LEU B 193 -10.78 -5.00 -19.28
N LEU B 194 -10.10 -4.25 -20.14
CA LEU B 194 -10.36 -4.24 -21.58
C LEU B 194 -9.15 -4.81 -22.30
N ALA B 195 -9.39 -5.57 -23.37
CA ALA B 195 -8.31 -6.21 -24.10
C ALA B 195 -8.68 -6.31 -25.57
N PHE B 196 -7.74 -5.95 -26.44
CA PHE B 196 -8.03 -5.97 -27.87
C PHE B 196 -6.73 -6.07 -28.66
N PRO B 197 -6.72 -6.77 -29.79
CA PRO B 197 -5.54 -6.81 -30.63
C PRO B 197 -5.51 -5.62 -31.58
N PRO B 198 -4.33 -5.18 -32.01
CA PRO B 198 -4.26 -4.03 -32.92
C PRO B 198 -4.60 -4.42 -34.35
N THR B 199 -5.84 -4.17 -34.77
CA THR B 199 -6.25 -4.42 -36.14
C THR B 199 -6.28 -3.10 -36.91
N ASP B 200 -6.63 -3.20 -38.19
CA ASP B 200 -6.74 -2.02 -39.05
C ASP B 200 -7.82 -1.06 -38.57
N LYS B 201 -8.76 -1.53 -37.74
CA LYS B 201 -9.89 -0.71 -37.32
C LYS B 201 -9.86 -0.37 -35.85
N SER B 202 -8.85 -0.80 -35.10
CA SER B 202 -8.80 -0.61 -33.65
C SER B 202 -8.64 0.86 -33.24
N TRP B 203 -9.52 1.72 -33.72
CA TRP B 203 -9.45 3.13 -33.38
C TRP B 203 -9.98 3.33 -31.97
N HIS B 204 -9.15 3.89 -31.09
CA HIS B 204 -9.54 4.12 -29.71
C HIS B 204 -8.87 5.38 -29.19
N ALA B 205 -9.32 5.83 -28.02
CA ALA B 205 -8.84 7.06 -27.42
C ALA B 205 -9.22 7.07 -25.95
N VAL B 206 -8.73 8.09 -25.24
CA VAL B 206 -9.11 8.33 -23.85
C VAL B 206 -9.48 9.80 -23.73
N SER B 207 -10.73 10.07 -23.39
CA SER B 207 -11.19 11.44 -23.29
C SER B 207 -10.44 12.18 -22.19
N ARG B 208 -10.39 13.51 -22.32
CA ARG B 208 -9.62 14.34 -21.41
C ARG B 208 -10.15 14.23 -19.99
N VAL B 209 -9.25 13.95 -19.05
CA VAL B 209 -9.62 13.95 -17.64
C VAL B 209 -9.88 15.39 -17.20
N ASP B 210 -11.08 15.63 -16.67
CA ASP B 210 -11.48 16.99 -16.27
C ASP B 210 -12.25 16.88 -14.96
N SER B 211 -11.50 16.68 -13.87
CA SER B 211 -12.10 16.60 -12.54
C SER B 211 -11.83 17.88 -11.76
N ILE B 215 -8.00 14.25 -8.35
CA ILE B 215 -8.10 12.80 -8.52
C ILE B 215 -7.10 12.34 -9.59
N THR B 216 -6.82 11.04 -9.60
CA THR B 216 -5.86 10.45 -10.52
C THR B 216 -6.49 9.22 -11.17
N ARG B 217 -6.47 9.17 -12.50
CA ARG B 217 -6.95 8.00 -13.24
C ARG B 217 -5.83 6.96 -13.28
N LEU B 218 -6.05 5.81 -12.66
CA LEU B 218 -5.02 4.80 -12.47
C LEU B 218 -5.32 3.59 -13.33
N THR B 219 -4.37 3.19 -14.17
CA THR B 219 -4.50 2.01 -15.00
C THR B 219 -3.18 1.26 -15.02
N VAL B 220 -3.27 -0.03 -15.35
CA VAL B 220 -2.11 -0.87 -15.62
C VAL B 220 -2.32 -1.49 -17.00
N GLN B 221 -1.38 -1.24 -17.90
CA GLN B 221 -1.47 -1.77 -19.26
C GLN B 221 -0.58 -2.99 -19.39
N LEU B 222 -1.09 -4.00 -20.10
CA LEU B 222 -0.35 -5.23 -20.38
C LEU B 222 -0.21 -5.34 -21.89
N GLU B 223 1.03 -5.28 -22.38
CA GLU B 223 1.30 -5.46 -23.79
C GLU B 223 2.12 -6.73 -23.99
N TYR B 224 1.76 -7.48 -25.03
CA TYR B 224 2.39 -8.75 -25.36
C TYR B 224 2.97 -8.60 -26.76
N TRP B 225 4.28 -8.38 -26.85
CA TRP B 225 4.95 -8.13 -28.11
C TRP B 225 5.49 -9.43 -28.70
N PHE B 226 5.73 -9.39 -30.01
CA PHE B 226 6.23 -10.58 -30.71
C PHE B 226 7.74 -10.72 -30.58
N GLU B 227 8.47 -9.60 -30.63
CA GLU B 227 9.92 -9.60 -30.56
C GLU B 227 10.35 -9.27 -29.14
N HIS B 228 11.30 -10.04 -28.61
CA HIS B 228 11.76 -9.89 -27.22
C HIS B 228 12.91 -8.89 -27.21
N VAL B 229 12.58 -7.63 -26.96
CA VAL B 229 13.56 -6.55 -26.93
C VAL B 229 13.40 -5.78 -25.62
N ASP B 230 14.53 -5.33 -25.06
CA ASP B 230 14.52 -4.48 -23.86
C ASP B 230 14.25 -3.05 -24.29
N ARG B 231 12.97 -2.68 -24.34
CA ARG B 231 12.57 -1.34 -24.73
C ARG B 231 12.84 -0.33 -23.63
#